data_3JWA
#
_entry.id   3JWA
#
_cell.length_a   56.42
_cell.length_b   123.01
_cell.length_c   127.01
_cell.angle_alpha   90.00
_cell.angle_beta   90.00
_cell.angle_gamma   90.00
#
_symmetry.space_group_name_H-M   'I 2 2 2'
#
loop_
_entity.id
_entity.type
_entity.pdbx_description
1 polymer 'Methionine gamma-lyase'
2 non-polymer '(1-AMINO-3-METHYLSULFANYL-PROPYL)-PHOSPHINIC ACID'
3 non-polymer DI(HYDROXYETHYL)ETHER
4 water water
#
_entity_poly.entity_id   1
_entity_poly.type   'polypeptide(L)'
_entity_poly.pdbx_seq_one_letter_code
;MSD(CSO)RTYGFNTQIVHAGQQPDPSTGALSTPIFQTSTFVFDSAEQGAARFALEESGYIYTRLGNPTTDALEKKLAVL
ERGEAGLATASGISAITTTLLTLCQQGDHIVSASAIYGCTHAFLSHSMPKFGINVSFVDAAKPEEIRAAMRPETKVVYIE
TPANPTLSLVDIETVAGIAHQQGALLVVDNTFMSPYCQQPLQLGADIVVHSVT(LLP)YINGHGDVIGGIIVGKQEFIDQ
ARFVGLKDITGGCMSPFNAWLTLRGVKTLGIRMERHCENALKIARFLEGHPSITRVYYPGLSSHPQYELGQRQMSLPGGI
ISFEIAGGLEAGRRMINSVELCLLAVSLGDTETLIQHPASMTHSPVAPEERLKAGITDGLIRLSVGLEDPEDIINDLEHA
IRKATF
;
_entity_poly.pdbx_strand_id   A
#
# COMPACT_ATOMS: atom_id res chain seq x y z
N SER A 2 5.95 -27.60 11.66
CA SER A 2 5.37 -26.78 12.72
C SER A 2 4.26 -25.90 12.19
N ASP A 3 4.09 -24.75 12.83
CA ASP A 3 3.11 -23.76 12.41
C ASP A 3 3.89 -22.53 11.96
N ARG A 5 3.18 -19.59 11.75
CA ARG A 5 2.98 -18.38 12.55
C ARG A 5 3.97 -18.33 13.72
N THR A 6 4.74 -19.40 13.92
CA THR A 6 5.69 -19.44 15.05
C THR A 6 7.13 -19.06 14.69
N TYR A 7 7.43 -18.92 13.42
CA TYR A 7 8.80 -18.64 13.00
C TYR A 7 9.09 -17.15 12.97
N GLY A 8 10.38 -16.82 12.85
CA GLY A 8 10.80 -15.44 12.67
C GLY A 8 10.25 -14.82 11.40
N PHE A 9 10.28 -13.49 11.34
CA PHE A 9 9.58 -12.79 10.26
C PHE A 9 10.16 -13.06 8.87
N ASN A 10 11.49 -13.18 8.79
CA ASN A 10 12.10 -13.54 7.50
C ASN A 10 11.73 -14.93 7.07
N THR A 11 11.72 -15.86 8.03
CA THR A 11 11.28 -17.22 7.76
C THR A 11 9.83 -17.23 7.25
N GLN A 12 8.98 -16.42 7.86
CA GLN A 12 7.59 -16.31 7.43
C GLN A 12 7.47 -15.75 6.02
N ILE A 13 8.24 -14.71 5.74
CA ILE A 13 8.25 -14.12 4.42
C ILE A 13 8.51 -15.18 3.37
N VAL A 14 9.50 -16.03 3.62
CA VAL A 14 9.85 -17.08 2.68
C VAL A 14 8.80 -18.21 2.65
N HIS A 15 8.34 -18.66 3.82
CA HIS A 15 7.57 -19.90 3.90
C HIS A 15 6.06 -19.80 4.12
N ALA A 16 5.61 -18.76 4.81
CA ALA A 16 4.20 -18.71 5.21
C ALA A 16 3.25 -18.82 4.01
N GLY A 17 2.20 -19.61 4.18
CA GLY A 17 1.17 -19.76 3.16
C GLY A 17 1.56 -20.72 2.04
N GLN A 18 2.81 -21.18 2.06
CA GLN A 18 3.30 -22.04 0.99
C GLN A 18 3.74 -23.41 1.50
N GLN A 19 3.74 -24.38 0.59
CA GLN A 19 4.12 -25.75 0.92
C GLN A 19 4.47 -26.41 -0.39
N PRO A 20 5.30 -27.46 -0.37
CA PRO A 20 5.53 -28.18 -1.62
C PRO A 20 4.21 -28.74 -2.15
N ASP A 21 4.09 -28.84 -3.47
CA ASP A 21 2.85 -29.35 -4.05
C ASP A 21 2.56 -30.76 -3.53
N PRO A 22 1.33 -31.00 -3.08
CA PRO A 22 0.98 -32.30 -2.49
C PRO A 22 1.09 -33.49 -3.43
N SER A 23 0.80 -33.30 -4.71
CA SER A 23 0.77 -34.41 -5.67
CA SER A 23 0.77 -34.43 -5.65
C SER A 23 2.14 -34.73 -6.23
N THR A 24 3.01 -33.72 -6.30
CA THR A 24 4.29 -33.86 -6.98
C THR A 24 5.52 -33.51 -6.14
N GLY A 25 5.33 -32.74 -5.08
CA GLY A 25 6.46 -32.22 -4.32
C GLY A 25 7.12 -30.99 -4.93
N ALA A 26 6.57 -30.45 -6.01
CA ALA A 26 7.13 -29.25 -6.64
C ALA A 26 7.37 -28.17 -5.59
N LEU A 27 8.58 -27.62 -5.57
CA LEU A 27 8.91 -26.62 -4.55
C LEU A 27 8.20 -25.28 -4.81
N SER A 28 8.31 -24.78 -6.04
CA SER A 28 7.59 -23.57 -6.38
C SER A 28 6.10 -23.85 -6.34
N THR A 29 5.34 -22.91 -5.78
CA THR A 29 3.88 -23.02 -5.84
C THR A 29 3.49 -23.13 -7.31
N PRO A 30 2.74 -24.18 -7.67
CA PRO A 30 2.36 -24.28 -9.08
C PRO A 30 1.50 -23.09 -9.49
N ILE A 31 1.56 -22.70 -10.77
CA ILE A 31 0.66 -21.68 -11.30
C ILE A 31 -0.62 -22.38 -11.74
N PHE A 32 -1.66 -22.27 -10.92
CA PHE A 32 -2.94 -22.88 -11.24
C PHE A 32 -3.74 -21.93 -12.13
N GLN A 33 -3.25 -21.77 -13.36
CA GLN A 33 -3.82 -20.85 -14.32
C GLN A 33 -5.00 -21.55 -14.98
N THR A 34 -6.09 -21.61 -14.24
CA THR A 34 -7.31 -22.30 -14.66
C THR A 34 -8.49 -21.41 -14.36
N SER A 35 -9.57 -21.59 -15.11
CA SER A 35 -10.81 -20.93 -14.76
C SER A 35 -11.64 -21.81 -13.85
N THR A 36 -11.76 -23.08 -14.21
CA THR A 36 -12.64 -23.95 -13.44
C THR A 36 -11.96 -25.18 -12.86
N PHE A 37 -12.73 -25.88 -12.03
CA PHE A 37 -12.26 -27.03 -11.29
C PHE A 37 -13.26 -28.16 -11.48
N VAL A 38 -12.75 -29.38 -11.54
CA VAL A 38 -13.57 -30.55 -11.83
C VAL A 38 -13.89 -31.30 -10.54
N PHE A 39 -15.13 -31.76 -10.43
CA PHE A 39 -15.57 -32.55 -9.29
C PHE A 39 -15.54 -34.02 -9.64
N ASP A 40 -15.33 -34.87 -8.65
CA ASP A 40 -15.32 -36.31 -8.89
CA ASP A 40 -15.32 -36.31 -8.86
C ASP A 40 -16.73 -36.89 -8.87
N SER A 41 -17.69 -36.11 -8.36
CA SER A 41 -19.07 -36.55 -8.29
C SER A 41 -20.03 -35.38 -8.05
N ALA A 42 -21.31 -35.61 -8.31
CA ALA A 42 -22.32 -34.59 -8.03
C ALA A 42 -22.24 -34.21 -6.55
N GLU A 43 -22.08 -35.22 -5.71
CA GLU A 43 -21.99 -35.05 -4.27
C GLU A 43 -20.84 -34.14 -3.83
N GLN A 44 -19.68 -34.30 -4.44
CA GLN A 44 -18.54 -33.46 -4.11
C GLN A 44 -18.81 -32.02 -4.50
N GLY A 45 -19.46 -31.83 -5.65
CA GLY A 45 -19.83 -30.51 -6.11
C GLY A 45 -20.79 -29.83 -5.15
N ALA A 46 -21.81 -30.57 -4.73
CA ALA A 46 -22.82 -30.05 -3.81
C ALA A 46 -22.20 -29.65 -2.48
N ALA A 47 -21.31 -30.51 -1.98
CA ALA A 47 -20.67 -30.25 -0.70
C ALA A 47 -19.88 -28.95 -0.71
N ARG A 48 -19.23 -28.65 -1.83
CA ARG A 48 -18.41 -27.45 -1.92
C ARG A 48 -19.25 -26.18 -2.06
N PHE A 49 -20.36 -26.27 -2.78
CA PHE A 49 -21.24 -25.12 -2.96
C PHE A 49 -22.00 -24.80 -1.66
N ALA A 50 -22.18 -25.80 -0.82
CA ALA A 50 -22.85 -25.61 0.45
C ALA A 50 -21.85 -25.14 1.50
N LEU A 51 -20.56 -25.29 1.18
CA LEU A 51 -19.48 -24.97 2.11
C LEU A 51 -19.40 -26.00 3.23
N GLU A 52 -19.76 -27.24 2.91
CA GLU A 52 -19.61 -28.35 3.84
C GLU A 52 -18.33 -29.09 3.52
N GLU A 53 -17.58 -28.57 2.55
CA GLU A 53 -16.38 -29.25 2.10
C GLU A 53 -15.30 -28.27 1.61
N SER A 54 -14.06 -28.57 1.97
CA SER A 54 -12.93 -27.81 1.48
C SER A 54 -12.68 -28.20 0.03
N GLY A 55 -12.12 -27.29 -0.73
CA GLY A 55 -11.86 -27.55 -2.14
C GLY A 55 -12.23 -26.35 -2.98
N TYR A 56 -11.88 -26.41 -4.27
CA TYR A 56 -12.08 -25.28 -5.16
C TYR A 56 -13.25 -25.50 -6.11
N ILE A 57 -13.72 -24.40 -6.68
CA ILE A 57 -14.87 -24.42 -7.57
C ILE A 57 -14.60 -23.61 -8.85
N TYR A 58 -14.10 -22.41 -8.68
CA TYR A 58 -13.99 -21.47 -9.80
C TYR A 58 -13.08 -20.33 -9.38
N THR A 59 -12.17 -19.95 -10.27
CA THR A 59 -11.10 -19.03 -9.88
C THR A 59 -11.56 -17.65 -9.37
N ARG A 60 -12.69 -17.15 -9.84
CA ARG A 60 -13.19 -15.89 -9.30
C ARG A 60 -13.50 -16.02 -7.80
N LEU A 61 -13.92 -17.22 -7.38
CA LEU A 61 -14.25 -17.47 -5.98
C LEU A 61 -13.01 -17.78 -5.13
N GLY A 62 -12.03 -18.43 -5.75
CA GLY A 62 -10.82 -18.84 -5.04
C GLY A 62 -9.96 -19.75 -5.91
N ASN A 63 -8.66 -19.84 -5.59
CA ASN A 63 -7.69 -20.52 -6.43
C ASN A 63 -6.49 -20.90 -5.54
N PRO A 64 -5.90 -22.09 -5.76
CA PRO A 64 -4.80 -22.50 -4.88
C PRO A 64 -3.58 -21.58 -4.88
N THR A 65 -3.23 -20.98 -6.01
CA THR A 65 -2.06 -20.11 -6.07
C THR A 65 -2.36 -18.84 -5.29
N THR A 66 -3.51 -18.25 -5.56
CA THR A 66 -3.91 -17.02 -4.90
CA THR A 66 -3.89 -17.02 -4.88
C THR A 66 -4.11 -17.23 -3.40
N ASP A 67 -4.64 -18.40 -3.03
CA ASP A 67 -4.82 -18.74 -1.62
C ASP A 67 -3.50 -18.69 -0.86
N ALA A 68 -2.44 -19.18 -1.49
CA ALA A 68 -1.10 -19.14 -0.87
C ALA A 68 -0.68 -17.71 -0.57
N LEU A 69 -0.88 -16.82 -1.54
CA LEU A 69 -0.56 -15.40 -1.35
C LEU A 69 -1.39 -14.78 -0.24
N GLU A 70 -2.68 -15.08 -0.24
CA GLU A 70 -3.59 -14.54 0.78
C GLU A 70 -3.18 -15.00 2.18
N LYS A 71 -2.85 -16.28 2.31
CA LYS A 71 -2.45 -16.80 3.61
C LYS A 71 -1.12 -16.20 4.05
N LYS A 72 -0.19 -16.04 3.11
CA LYS A 72 1.10 -15.46 3.46
C LYS A 72 0.93 -14.06 4.01
N LEU A 73 0.16 -13.23 3.30
CA LEU A 73 -0.02 -11.85 3.73
C LEU A 73 -0.80 -11.74 5.03
N ALA A 74 -1.75 -12.66 5.26
CA ALA A 74 -2.44 -12.71 6.53
C ALA A 74 -1.44 -12.97 7.67
N VAL A 75 -0.55 -13.93 7.46
CA VAL A 75 0.49 -14.19 8.45
C VAL A 75 1.37 -12.96 8.70
N LEU A 76 1.83 -12.32 7.62
CA LEU A 76 2.75 -11.19 7.76
C LEU A 76 2.12 -9.98 8.46
N GLU A 77 0.82 -9.76 8.25
CA GLU A 77 0.13 -8.64 8.90
C GLU A 77 -0.49 -9.03 10.25
N ARG A 78 -0.34 -10.28 10.63
CA ARG A 78 -0.98 -10.80 11.85
C ARG A 78 -2.50 -10.64 11.82
N GLY A 79 -3.08 -10.91 10.65
CA GLY A 79 -4.52 -10.91 10.49
C GLY A 79 -5.01 -12.34 10.30
N GLU A 80 -6.34 -12.53 10.35
CA GLU A 80 -6.90 -13.87 10.27
C GLU A 80 -6.92 -14.43 8.84
N ALA A 81 -7.16 -13.54 7.87
CA ALA A 81 -7.39 -13.98 6.50
C ALA A 81 -7.05 -12.89 5.51
N GLY A 82 -6.78 -13.29 4.28
CA GLY A 82 -6.44 -12.37 3.22
C GLY A 82 -7.32 -12.56 2.00
N LEU A 83 -7.37 -11.51 1.17
CA LEU A 83 -8.13 -11.56 -0.07
C LEU A 83 -7.37 -10.76 -1.12
N ALA A 84 -6.95 -11.45 -2.19
CA ALA A 84 -6.20 -10.82 -3.27
C ALA A 84 -7.13 -10.16 -4.28
N THR A 85 -6.68 -9.08 -4.89
CA THR A 85 -7.52 -8.34 -5.83
C THR A 85 -6.74 -7.89 -7.07
N ALA A 86 -7.50 -7.42 -8.06
CA ALA A 86 -6.97 -7.02 -9.36
C ALA A 86 -6.06 -5.80 -9.30
N SER A 87 -6.21 -5.00 -8.24
CA SER A 87 -5.44 -3.76 -8.09
C SER A 87 -5.55 -3.27 -6.65
N GLY A 88 -4.65 -2.37 -6.26
CA GLY A 88 -4.76 -1.69 -4.99
C GLY A 88 -6.10 -0.98 -4.86
N ILE A 89 -6.49 -0.26 -5.90
CA ILE A 89 -7.79 0.40 -5.90
C ILE A 89 -8.92 -0.60 -5.61
N SER A 90 -8.90 -1.74 -6.30
CA SER A 90 -9.89 -2.76 -6.03
C SER A 90 -9.88 -3.28 -4.59
N ALA A 91 -8.70 -3.38 -3.96
CA ALA A 91 -8.65 -3.75 -2.55
C ALA A 91 -9.43 -2.73 -1.71
N ILE A 92 -9.20 -1.46 -1.97
CA ILE A 92 -9.86 -0.38 -1.22
C ILE A 92 -11.36 -0.35 -1.48
N THR A 93 -11.77 -0.42 -2.75
CA THR A 93 -13.19 -0.27 -3.05
C THR A 93 -13.98 -1.52 -2.72
N THR A 94 -13.40 -2.69 -2.92
CA THR A 94 -14.05 -3.93 -2.51
C THR A 94 -14.30 -3.89 -1.00
N THR A 95 -13.30 -3.45 -0.25
CA THR A 95 -13.46 -3.27 1.19
C THR A 95 -14.59 -2.30 1.53
N LEU A 96 -14.56 -1.09 0.98
CA LEU A 96 -15.50 -0.07 1.41
C LEU A 96 -16.91 -0.31 0.88
N LEU A 97 -17.02 -0.92 -0.29
CA LEU A 97 -18.34 -1.21 -0.86
C LEU A 97 -18.98 -2.44 -0.20
N THR A 98 -18.15 -3.27 0.42
CA THR A 98 -18.67 -4.39 1.21
C THR A 98 -19.23 -3.87 2.54
N LEU A 99 -18.57 -2.87 3.09
CA LEU A 99 -18.93 -2.36 4.42
C LEU A 99 -20.06 -1.33 4.42
N CYS A 100 -20.15 -0.54 3.36
CA CYS A 100 -21.00 0.65 3.37
C CYS A 100 -22.16 0.54 2.39
N GLN A 101 -23.28 1.14 2.77
CA GLN A 101 -24.44 1.24 1.90
C GLN A 101 -25.00 2.66 1.96
N GLN A 102 -25.95 2.95 1.08
CA GLN A 102 -26.61 4.23 1.04
C GLN A 102 -27.00 4.71 2.44
N GLY A 103 -26.64 5.93 2.79
CA GLY A 103 -26.94 6.49 4.10
C GLY A 103 -25.77 6.42 5.07
N ASP A 104 -24.77 5.60 4.75
CA ASP A 104 -23.60 5.47 5.61
C ASP A 104 -22.61 6.61 5.41
N HIS A 105 -21.64 6.71 6.31
CA HIS A 105 -20.69 7.80 6.32
C HIS A 105 -19.28 7.27 6.55
N ILE A 106 -18.30 7.93 5.96
CA ILE A 106 -16.90 7.58 6.15
C ILE A 106 -16.11 8.82 6.53
N VAL A 107 -15.22 8.70 7.50
CA VAL A 107 -14.27 9.75 7.79
C VAL A 107 -12.93 9.34 7.21
N SER A 108 -12.39 10.16 6.31
CA SER A 108 -11.15 9.83 5.63
C SER A 108 -10.08 10.90 5.82
N ALA A 109 -8.82 10.47 5.91
CA ALA A 109 -7.70 11.38 5.79
C ALA A 109 -7.79 12.11 4.46
N SER A 110 -7.26 13.34 4.42
CA SER A 110 -7.21 14.09 3.19
C SER A 110 -5.93 13.78 2.41
N ALA A 111 -4.86 13.50 3.15
CA ALA A 111 -3.56 13.20 2.54
C ALA A 111 -3.49 11.74 2.12
N ILE A 112 -4.20 11.41 1.05
CA ILE A 112 -4.28 10.04 0.58
C ILE A 112 -3.99 9.92 -0.91
N TYR A 113 -3.81 8.68 -1.36
CA TYR A 113 -3.58 8.37 -2.76
C TYR A 113 -4.62 9.07 -3.64
N GLY A 114 -4.16 9.70 -4.72
CA GLY A 114 -5.03 10.48 -5.58
C GLY A 114 -6.28 9.78 -6.07
N CYS A 115 -6.13 8.55 -6.57
CA CYS A 115 -7.28 7.83 -7.11
C CYS A 115 -8.25 7.39 -6.00
N THR A 116 -7.72 7.10 -4.82
CA THR A 116 -8.58 6.83 -3.67
C THR A 116 -9.40 8.08 -3.35
N HIS A 117 -8.75 9.24 -3.38
CA HIS A 117 -9.43 10.50 -3.12
C HIS A 117 -10.57 10.69 -4.13
N ALA A 118 -10.31 10.34 -5.38
CA ALA A 118 -11.32 10.48 -6.44
C ALA A 118 -12.54 9.60 -6.18
N PHE A 119 -12.28 8.35 -5.81
CA PHE A 119 -13.36 7.41 -5.46
C PHE A 119 -14.20 7.94 -4.29
N LEU A 120 -13.51 8.39 -3.24
CA LEU A 120 -14.20 8.85 -2.04
C LEU A 120 -14.95 10.17 -2.24
N SER A 121 -14.38 11.07 -3.04
CA SER A 121 -14.99 12.39 -3.17
C SER A 121 -16.08 12.46 -4.23
N HIS A 122 -15.94 11.64 -5.28
CA HIS A 122 -16.87 11.75 -6.41
C HIS A 122 -17.79 10.54 -6.58
N SER A 123 -17.26 9.33 -6.38
CA SER A 123 -18.06 8.13 -6.61
C SER A 123 -18.92 7.72 -5.43
N MET A 124 -18.33 7.62 -4.23
CA MET A 124 -19.09 7.23 -3.05
C MET A 124 -20.36 8.05 -2.83
N PRO A 125 -20.25 9.39 -2.87
CA PRO A 125 -21.46 10.18 -2.66
C PRO A 125 -22.56 9.89 -3.68
N LYS A 126 -22.18 9.48 -4.88
CA LYS A 126 -23.20 9.18 -5.89
C LYS A 126 -23.92 7.86 -5.60
N PHE A 127 -23.37 7.09 -4.67
CA PHE A 127 -24.05 5.89 -4.19
C PHE A 127 -24.68 6.13 -2.81
N GLY A 128 -24.78 7.39 -2.41
CA GLY A 128 -25.44 7.75 -1.17
C GLY A 128 -24.56 7.56 0.05
N ILE A 129 -23.26 7.39 -0.16
CA ILE A 129 -22.31 7.24 0.93
C ILE A 129 -21.46 8.50 1.05
N ASN A 130 -21.66 9.25 2.11
CA ASN A 130 -20.97 10.52 2.27
C ASN A 130 -19.62 10.36 2.96
N VAL A 131 -18.69 11.23 2.59
CA VAL A 131 -17.33 11.17 3.13
C VAL A 131 -16.91 12.54 3.64
N SER A 132 -16.38 12.56 4.86
CA SER A 132 -15.78 13.78 5.41
C SER A 132 -14.28 13.62 5.39
N PHE A 133 -13.58 14.59 4.79
CA PHE A 133 -12.13 14.58 4.73
C PHE A 133 -11.55 15.45 5.83
N VAL A 134 -10.55 14.94 6.53
CA VAL A 134 -9.93 15.68 7.63
C VAL A 134 -8.42 15.55 7.57
N ASP A 135 -7.73 16.35 8.39
CA ASP A 135 -6.29 16.20 8.56
C ASP A 135 -6.02 15.12 9.59
N ALA A 136 -5.69 13.92 9.13
CA ALA A 136 -5.56 12.77 10.03
C ALA A 136 -4.32 12.78 10.93
N ALA A 137 -3.41 13.72 10.67
CA ALA A 137 -2.29 13.94 11.57
C ALA A 137 -2.77 14.55 12.89
N LYS A 138 -4.03 14.98 12.90
CA LYS A 138 -4.68 15.54 14.09
C LYS A 138 -5.86 14.67 14.47
N PRO A 139 -5.63 13.68 15.34
CA PRO A 139 -6.67 12.71 15.68
C PRO A 139 -7.97 13.38 16.14
N GLU A 140 -7.87 14.58 16.70
CA GLU A 140 -9.07 15.29 17.12
C GLU A 140 -10.00 15.68 15.96
N GLU A 141 -9.43 15.90 14.77
CA GLU A 141 -10.24 16.22 13.60
C GLU A 141 -11.03 14.99 13.17
N ILE A 142 -10.42 13.82 13.35
CA ILE A 142 -11.12 12.58 13.07
C ILE A 142 -12.33 12.43 14.01
N ARG A 143 -12.09 12.60 15.31
CA ARG A 143 -13.19 12.53 16.27
C ARG A 143 -14.32 13.51 15.93
N ALA A 144 -13.95 14.74 15.59
CA ALA A 144 -14.93 15.80 15.39
C ALA A 144 -15.83 15.54 14.19
N ALA A 145 -15.33 14.75 13.24
CA ALA A 145 -16.05 14.50 12.00
C ALA A 145 -16.95 13.26 12.07
N MET A 146 -16.85 12.51 13.17
CA MET A 146 -17.63 11.30 13.29
CA MET A 146 -17.62 11.29 13.39
C MET A 146 -19.10 11.59 13.54
N ARG A 147 -19.95 10.77 12.92
CA ARG A 147 -21.40 10.95 12.97
C ARG A 147 -22.05 9.62 13.36
N PRO A 148 -23.35 9.67 13.71
CA PRO A 148 -24.04 8.42 14.06
C PRO A 148 -23.97 7.39 12.94
N GLU A 149 -23.85 7.84 11.69
CA GLU A 149 -23.84 6.92 10.56
C GLU A 149 -22.44 6.53 10.11
N THR A 150 -21.41 7.00 10.80
CA THR A 150 -20.05 6.67 10.41
C THR A 150 -19.74 5.19 10.63
N LYS A 151 -19.37 4.49 9.56
CA LYS A 151 -19.06 3.07 9.62
C LYS A 151 -17.56 2.82 9.62
N VAL A 152 -16.82 3.73 8.99
CA VAL A 152 -15.41 3.50 8.70
C VAL A 152 -14.60 4.78 8.85
N VAL A 153 -13.42 4.65 9.44
CA VAL A 153 -12.39 5.67 9.38
C VAL A 153 -11.28 5.12 8.49
N TYR A 154 -10.84 5.93 7.53
CA TYR A 154 -9.88 5.48 6.53
C TYR A 154 -8.61 6.33 6.56
N ILE A 155 -7.45 5.70 6.72
CA ILE A 155 -6.18 6.43 6.77
C ILE A 155 -5.06 5.76 5.99
N GLU A 156 -4.07 6.56 5.60
CA GLU A 156 -2.81 6.10 5.02
C GLU A 156 -1.66 6.66 5.82
N THR A 157 -0.64 5.86 6.09
CA THR A 157 0.53 6.36 6.78
C THR A 157 1.77 5.52 6.50
N PRO A 158 2.88 6.16 6.09
CA PRO A 158 3.01 7.60 5.80
C PRO A 158 2.09 8.04 4.67
N ALA A 159 1.82 9.35 4.61
CA ALA A 159 0.87 9.89 3.65
C ALA A 159 1.55 10.64 2.50
N ASN A 160 0.84 10.74 1.37
CA ASN A 160 1.29 11.57 0.26
C ASN A 160 0.88 13.02 0.49
N PRO A 161 1.70 13.98 0.03
CA PRO A 161 2.96 13.75 -0.69
C PRO A 161 4.19 13.96 0.18
N THR A 162 4.01 14.45 1.41
CA THR A 162 5.16 14.83 2.24
C THR A 162 5.45 13.85 3.37
N LEU A 163 4.88 12.65 3.27
CA LEU A 163 5.19 11.57 4.20
C LEU A 163 4.90 11.96 5.66
N SER A 164 3.83 12.70 5.87
CA SER A 164 3.34 12.94 7.22
C SER A 164 2.81 11.63 7.74
N LEU A 165 2.65 11.52 9.06
CA LEU A 165 2.21 10.28 9.67
C LEU A 165 0.84 10.39 10.29
N VAL A 166 0.24 9.23 10.54
CA VAL A 166 -1.01 9.14 11.30
C VAL A 166 -0.78 8.15 12.43
N ASP A 167 -1.22 8.52 13.63
CA ASP A 167 -1.03 7.69 14.82
C ASP A 167 -2.09 6.59 14.81
N ILE A 168 -1.70 5.41 14.33
CA ILE A 168 -2.65 4.32 14.11
C ILE A 168 -3.35 3.89 15.39
N GLU A 169 -2.58 3.65 16.45
CA GLU A 169 -3.15 3.18 17.70
C GLU A 169 -4.15 4.17 18.29
N THR A 170 -3.80 5.45 18.24
CA THR A 170 -4.70 6.48 18.78
C THR A 170 -5.97 6.58 17.95
N VAL A 171 -5.82 6.57 16.63
CA VAL A 171 -6.97 6.68 15.75
C VAL A 171 -7.86 5.44 15.87
N ALA A 172 -7.25 4.27 15.99
CA ALA A 172 -8.02 3.04 16.19
C ALA A 172 -8.91 3.14 17.43
N GLY A 173 -8.36 3.66 18.53
CA GLY A 173 -9.11 3.81 19.76
C GLY A 173 -10.30 4.75 19.60
N ILE A 174 -10.07 5.86 18.90
CA ILE A 174 -11.13 6.83 18.63
C ILE A 174 -12.23 6.21 17.76
N ALA A 175 -11.84 5.51 16.71
CA ALA A 175 -12.82 4.89 15.82
C ALA A 175 -13.66 3.89 16.60
N HIS A 176 -12.99 3.05 17.38
CA HIS A 176 -13.68 1.98 18.11
C HIS A 176 -14.61 2.49 19.20
N GLN A 177 -14.21 3.56 19.87
CA GLN A 177 -15.04 4.15 20.90
C GLN A 177 -16.38 4.56 20.30
N GLN A 178 -16.34 4.97 19.04
CA GLN A 178 -17.54 5.46 18.36
C GLN A 178 -18.21 4.39 17.50
N GLY A 179 -17.73 3.15 17.61
CA GLY A 179 -18.33 2.02 16.93
C GLY A 179 -18.01 1.89 15.45
N ALA A 180 -16.92 2.52 15.01
CA ALA A 180 -16.50 2.41 13.62
C ALA A 180 -15.29 1.49 13.45
N LEU A 181 -15.12 0.97 12.25
CA LEU A 181 -13.92 0.20 11.91
C LEU A 181 -12.83 1.15 11.43
N LEU A 182 -11.58 0.76 11.66
CA LEU A 182 -10.44 1.48 11.10
C LEU A 182 -9.81 0.67 9.97
N VAL A 183 -9.72 1.29 8.78
CA VAL A 183 -9.08 0.68 7.63
C VAL A 183 -7.80 1.46 7.36
N VAL A 184 -6.69 0.75 7.24
CA VAL A 184 -5.40 1.38 7.00
C VAL A 184 -4.77 0.89 5.70
N ASP A 185 -4.39 1.84 4.84
CA ASP A 185 -3.61 1.53 3.65
C ASP A 185 -2.13 1.50 4.03
N ASN A 186 -1.55 0.30 3.99
CA ASN A 186 -0.19 0.06 4.48
C ASN A 186 0.81 -0.10 3.32
N THR A 187 0.41 0.37 2.14
CA THR A 187 1.20 0.20 0.91
C THR A 187 2.65 0.69 1.03
N PHE A 188 2.83 1.91 1.53
CA PHE A 188 4.15 2.55 1.59
C PHE A 188 5.14 1.79 2.47
N MET A 189 4.64 1.12 3.51
CA MET A 189 5.49 0.47 4.50
C MET A 189 5.76 -1.01 4.21
N SER A 190 4.73 -1.72 3.75
CA SER A 190 4.72 -3.18 3.73
C SER A 190 4.66 -3.69 5.16
N PRO A 191 4.24 -4.95 5.35
CA PRO A 191 4.19 -5.54 6.68
C PRO A 191 5.57 -5.63 7.35
N TYR A 192 6.64 -5.56 6.57
CA TYR A 192 7.98 -5.61 7.12
C TYR A 192 8.29 -4.38 7.98
N CYS A 193 7.65 -3.24 7.65
CA CYS A 193 7.98 -1.98 8.31
C CYS A 193 6.89 -1.45 9.23
N GLN A 194 5.65 -1.94 9.06
CA GLN A 194 4.55 -1.44 9.86
C GLN A 194 3.45 -2.50 9.91
N GLN A 195 2.82 -2.64 11.07
CA GLN A 195 1.77 -3.63 11.24
CA GLN A 195 1.80 -3.65 11.33
C GLN A 195 0.52 -3.03 11.89
N PRO A 196 -0.30 -2.40 11.03
CA PRO A 196 -1.47 -1.68 11.57
C PRO A 196 -2.41 -2.54 12.41
N LEU A 197 -2.61 -3.81 12.06
CA LEU A 197 -3.51 -4.67 12.84
C LEU A 197 -3.02 -4.85 14.27
N GLN A 198 -1.70 -4.86 14.46
CA GLN A 198 -1.12 -5.02 15.79
CA GLN A 198 -1.15 -5.03 15.80
C GLN A 198 -1.31 -3.76 16.63
N LEU A 199 -1.63 -2.66 15.96
CA LEU A 199 -1.86 -1.38 16.63
C LEU A 199 -3.34 -1.05 16.80
N GLY A 200 -4.20 -1.97 16.40
CA GLY A 200 -5.63 -1.80 16.60
C GLY A 200 -6.48 -1.61 15.36
N ALA A 201 -5.85 -1.48 14.19
CA ALA A 201 -6.63 -1.39 12.97
C ALA A 201 -7.44 -2.68 12.76
N ASP A 202 -8.57 -2.57 12.07
CA ASP A 202 -9.41 -3.74 11.81
C ASP A 202 -9.12 -4.38 10.47
N ILE A 203 -8.78 -3.55 9.49
CA ILE A 203 -8.54 -4.01 8.14
C ILE A 203 -7.33 -3.29 7.57
N VAL A 204 -6.45 -4.05 6.90
CA VAL A 204 -5.34 -3.45 6.18
C VAL A 204 -5.49 -3.70 4.70
N VAL A 205 -5.22 -2.69 3.89
CA VAL A 205 -5.18 -2.87 2.44
C VAL A 205 -3.81 -2.50 1.89
N HIS A 206 -3.42 -3.12 0.78
CA HIS A 206 -2.20 -2.78 0.08
C HIS A 206 -2.46 -2.75 -1.40
N SER A 207 -1.79 -1.84 -2.10
CA SER A 207 -1.43 -2.08 -3.48
C SER A 207 -0.17 -2.95 -3.47
N VAL A 208 -0.28 -4.21 -3.90
CA VAL A 208 0.91 -5.06 -3.97
C VAL A 208 1.79 -4.69 -5.15
N THR A 209 1.24 -3.84 -6.01
CA THR A 209 1.95 -3.24 -7.13
C THR A 209 3.26 -2.60 -6.69
N TYR A 211 5.75 -2.28 -2.98
CA TYR A 211 6.79 -3.09 -2.32
C TYR A 211 6.56 -4.60 -2.19
N ILE A 212 5.31 -5.02 -1.96
CA ILE A 212 5.07 -6.45 -1.71
C ILE A 212 5.52 -7.27 -2.91
N ASN A 213 5.06 -6.89 -4.10
CA ASN A 213 5.60 -7.50 -5.31
C ASN A 213 7.03 -7.03 -5.57
N GLY A 214 7.19 -5.71 -5.64
CA GLY A 214 8.50 -5.07 -5.66
C GLY A 214 9.27 -5.07 -6.97
N HIS A 215 8.71 -5.71 -8.00
CA HIS A 215 9.45 -5.89 -9.24
C HIS A 215 8.84 -5.17 -10.45
N GLY A 216 7.89 -4.29 -10.19
CA GLY A 216 7.39 -3.37 -11.21
C GLY A 216 6.72 -4.08 -12.38
N ASP A 217 6.11 -5.22 -12.10
CA ASP A 217 5.53 -6.02 -13.18
C ASP A 217 4.15 -6.62 -12.85
N VAL A 218 3.58 -6.19 -11.72
CA VAL A 218 2.27 -6.66 -11.29
C VAL A 218 1.42 -5.47 -10.83
N ILE A 219 0.20 -5.39 -11.34
CA ILE A 219 -0.82 -4.56 -10.71
C ILE A 219 -1.68 -5.49 -9.85
N GLY A 220 -1.89 -5.15 -8.59
CA GLY A 220 -2.63 -6.03 -7.72
C GLY A 220 -2.85 -5.43 -6.36
N GLY A 221 -3.79 -5.99 -5.60
CA GLY A 221 -4.03 -5.52 -4.25
C GLY A 221 -4.23 -6.67 -3.29
N ILE A 222 -4.25 -6.36 -2.00
CA ILE A 222 -4.59 -7.36 -1.00
CA ILE A 222 -4.51 -7.35 -0.96
C ILE A 222 -5.33 -6.71 0.15
N ILE A 223 -6.24 -7.48 0.73
CA ILE A 223 -7.01 -7.05 1.90
C ILE A 223 -6.73 -8.07 3.00
N VAL A 224 -6.42 -7.60 4.21
CA VAL A 224 -6.25 -8.51 5.35
C VAL A 224 -7.12 -8.06 6.50
N GLY A 225 -7.79 -9.02 7.15
CA GLY A 225 -8.64 -8.70 8.29
C GLY A 225 -9.19 -9.95 8.94
N LYS A 226 -10.26 -9.77 9.72
CA LYS A 226 -10.93 -10.89 10.39
C LYS A 226 -11.58 -11.80 9.35
N GLN A 227 -11.65 -13.09 9.67
CA GLN A 227 -12.24 -14.07 8.76
C GLN A 227 -13.66 -13.69 8.36
N GLU A 228 -14.46 -13.25 9.33
CA GLU A 228 -15.85 -12.92 9.06
C GLU A 228 -15.99 -11.77 8.06
N PHE A 229 -15.11 -10.79 8.16
CA PHE A 229 -15.10 -9.69 7.19
C PHE A 229 -14.59 -10.13 5.83
N ILE A 230 -13.47 -10.83 5.82
CA ILE A 230 -12.90 -11.28 4.56
C ILE A 230 -13.86 -12.19 3.80
N ASP A 231 -14.60 -13.03 4.52
CA ASP A 231 -15.60 -13.89 3.88
C ASP A 231 -16.66 -13.07 3.15
N GLN A 232 -17.07 -11.96 3.75
CA GLN A 232 -18.02 -11.06 3.09
C GLN A 232 -17.38 -10.32 1.92
N ALA A 233 -16.14 -9.86 2.11
CA ALA A 233 -15.43 -9.18 1.03
C ALA A 233 -15.24 -10.12 -0.17
N ARG A 234 -15.06 -11.40 0.10
CA ARG A 234 -14.87 -12.38 -0.96
C ARG A 234 -16.18 -12.76 -1.65
N PHE A 235 -17.14 -13.23 -0.85
CA PHE A 235 -18.37 -13.80 -1.39
C PHE A 235 -19.45 -12.77 -1.73
N VAL A 236 -19.22 -11.51 -1.37
CA VAL A 236 -20.12 -10.43 -1.80
C VAL A 236 -19.36 -9.34 -2.55
N GLY A 237 -18.37 -8.73 -1.90
CA GLY A 237 -17.67 -7.62 -2.50
C GLY A 237 -17.01 -7.98 -3.82
N LEU A 238 -16.19 -9.03 -3.81
CA LEU A 238 -15.48 -9.44 -5.01
C LEU A 238 -16.41 -10.21 -5.96
N LYS A 239 -17.14 -11.17 -5.43
CA LYS A 239 -17.96 -12.06 -6.26
C LYS A 239 -19.05 -11.30 -7.02
N ASP A 240 -19.70 -10.35 -6.34
CA ASP A 240 -20.87 -9.68 -6.91
C ASP A 240 -20.61 -8.23 -7.33
N ILE A 241 -19.81 -7.50 -6.57
CA ILE A 241 -19.75 -6.04 -6.72
C ILE A 241 -18.63 -5.51 -7.62
N THR A 242 -17.37 -5.73 -7.25
CA THR A 242 -16.28 -5.23 -8.10
C THR A 242 -15.80 -6.25 -9.13
N GLY A 243 -15.97 -7.53 -8.84
CA GLY A 243 -15.42 -8.56 -9.71
C GLY A 243 -13.91 -8.47 -9.84
N GLY A 244 -13.26 -7.82 -8.89
CA GLY A 244 -11.83 -7.55 -8.99
C GLY A 244 -10.91 -8.67 -8.55
N CYS A 245 -11.07 -9.85 -9.14
CA CYS A 245 -10.19 -10.95 -8.74
C CYS A 245 -8.80 -10.82 -9.36
N MET A 246 -7.83 -11.44 -8.69
CA MET A 246 -6.45 -11.44 -9.15
C MET A 246 -6.20 -12.67 -10.01
N SER A 247 -5.47 -12.49 -11.10
CA SER A 247 -5.05 -13.59 -11.96
CA SER A 247 -5.10 -13.62 -11.93
C SER A 247 -4.08 -14.50 -11.19
N PRO A 248 -4.22 -15.84 -11.34
CA PRO A 248 -3.28 -16.75 -10.67
C PRO A 248 -1.84 -16.45 -11.03
N PHE A 249 -1.58 -16.08 -12.28
CA PHE A 249 -0.22 -15.70 -12.68
C PHE A 249 0.28 -14.48 -11.90
N ASN A 250 -0.58 -13.49 -11.71
CA ASN A 250 -0.20 -12.32 -10.92
C ASN A 250 0.05 -12.69 -9.47
N ALA A 251 -0.74 -13.62 -8.95
CA ALA A 251 -0.55 -14.06 -7.57
C ALA A 251 0.79 -14.77 -7.44
N TRP A 252 1.12 -15.59 -8.44
CA TRP A 252 2.38 -16.33 -8.45
C TRP A 252 3.57 -15.37 -8.52
N LEU A 253 3.49 -14.35 -9.37
CA LEU A 253 4.57 -13.37 -9.43
C LEU A 253 4.71 -12.62 -8.11
N THR A 254 3.59 -12.32 -7.47
CA THR A 254 3.63 -11.59 -6.21
C THR A 254 4.21 -12.48 -5.10
N LEU A 255 3.83 -13.76 -5.08
CA LEU A 255 4.46 -14.71 -4.16
C LEU A 255 5.98 -14.73 -4.37
N ARG A 256 6.39 -14.77 -5.63
CA ARG A 256 7.80 -14.80 -5.97
C ARG A 256 8.51 -13.51 -5.52
N GLY A 257 7.89 -12.37 -5.80
CA GLY A 257 8.46 -11.09 -5.40
C GLY A 257 8.55 -10.91 -3.89
N VAL A 258 7.53 -11.37 -3.18
CA VAL A 258 7.51 -11.15 -1.73
C VAL A 258 8.55 -12.00 -0.98
N LYS A 259 9.05 -13.06 -1.61
CA LYS A 259 10.12 -13.88 -1.02
C LYS A 259 11.30 -13.04 -0.56
N THR A 260 11.57 -11.96 -1.29
CA THR A 260 12.72 -11.10 -0.98
C THR A 260 12.31 -9.82 -0.27
N LEU A 261 11.08 -9.76 0.24
CA LEU A 261 10.58 -8.54 0.88
C LEU A 261 11.51 -8.00 1.99
N GLY A 262 11.97 -8.90 2.87
CA GLY A 262 12.79 -8.49 4.00
C GLY A 262 14.09 -7.86 3.54
N ILE A 263 14.82 -8.58 2.69
CA ILE A 263 16.09 -8.06 2.21
C ILE A 263 15.91 -6.82 1.31
N ARG A 264 14.83 -6.78 0.53
CA ARG A 264 14.57 -5.59 -0.28
C ARG A 264 14.29 -4.37 0.61
N MET A 265 13.38 -4.51 1.58
CA MET A 265 13.04 -3.36 2.42
C MET A 265 14.27 -2.87 3.20
N GLU A 266 15.08 -3.80 3.70
CA GLU A 266 16.29 -3.38 4.41
C GLU A 266 17.18 -2.51 3.52
N ARG A 267 17.36 -2.93 2.27
CA ARG A 267 18.21 -2.19 1.35
C ARG A 267 17.56 -0.88 0.87
N HIS A 268 16.27 -0.92 0.51
CA HIS A 268 15.56 0.29 0.16
C HIS A 268 15.74 1.37 1.25
N CYS A 269 15.54 0.97 2.50
CA CYS A 269 15.56 1.91 3.61
C CYS A 269 16.98 2.38 3.97
N GLU A 270 17.94 1.47 3.88
CA GLU A 270 19.34 1.86 4.09
C GLU A 270 19.75 2.87 3.03
N ASN A 271 19.42 2.58 1.78
CA ASN A 271 19.71 3.51 0.69
C ASN A 271 18.98 4.84 0.87
N ALA A 272 17.69 4.77 1.23
CA ALA A 272 16.90 5.99 1.38
C ALA A 272 17.45 6.91 2.48
N LEU A 273 17.85 6.32 3.60
CA LEU A 273 18.40 7.13 4.68
C LEU A 273 19.68 7.86 4.24
N LYS A 274 20.54 7.16 3.50
CA LYS A 274 21.77 7.79 3.00
C LYS A 274 21.44 8.93 2.05
N ILE A 275 20.51 8.69 1.14
CA ILE A 275 20.11 9.72 0.19
C ILE A 275 19.42 10.90 0.88
N ALA A 276 18.56 10.61 1.85
CA ALA A 276 17.86 11.66 2.57
C ALA A 276 18.85 12.56 3.32
N ARG A 277 19.87 11.96 3.91
CA ARG A 277 20.88 12.72 4.64
C ARG A 277 21.69 13.59 3.68
N PHE A 278 22.02 13.02 2.52
CA PHE A 278 22.70 13.80 1.48
C PHE A 278 21.85 15.02 1.07
N LEU A 279 20.58 14.78 0.80
CA LEU A 279 19.68 15.86 0.39
C LEU A 279 19.54 16.92 1.48
N GLU A 280 19.44 16.48 2.73
CA GLU A 280 19.29 17.42 3.84
C GLU A 280 20.49 18.35 4.00
N GLY A 281 21.64 17.92 3.49
CA GLY A 281 22.84 18.72 3.59
C GLY A 281 23.11 19.56 2.35
N HIS A 282 22.22 19.47 1.37
CA HIS A 282 22.45 20.13 0.08
C HIS A 282 21.83 21.53 0.04
N PRO A 283 22.65 22.56 -0.23
CA PRO A 283 22.17 23.95 -0.14
C PRO A 283 21.14 24.32 -1.20
N SER A 284 20.94 23.48 -2.21
CA SER A 284 19.96 23.73 -3.25
C SER A 284 18.63 23.07 -2.93
N ILE A 285 18.56 22.38 -1.80
CA ILE A 285 17.35 21.66 -1.43
C ILE A 285 16.75 22.31 -0.19
N THR A 286 15.56 22.88 -0.35
CA THR A 286 14.96 23.64 0.75
C THR A 286 14.39 22.76 1.87
N ARG A 287 13.78 21.64 1.49
CA ARG A 287 13.15 20.73 2.45
C ARG A 287 13.35 19.29 2.03
N VAL A 288 13.44 18.39 3.01
CA VAL A 288 13.47 16.97 2.75
C VAL A 288 12.50 16.28 3.68
N TYR A 289 11.54 15.56 3.10
CA TYR A 289 10.54 14.83 3.85
C TYR A 289 10.89 13.35 3.87
N TYR A 290 11.31 12.88 5.04
CA TYR A 290 11.68 11.48 5.21
C TYR A 290 11.57 11.12 6.69
N PRO A 291 10.79 10.07 7.00
CA PRO A 291 10.57 9.71 8.41
C PRO A 291 11.85 9.41 9.19
N GLY A 292 12.94 9.08 8.49
CA GLY A 292 14.19 8.72 9.12
C GLY A 292 15.06 9.88 9.54
N LEU A 293 14.70 11.08 9.13
CA LEU A 293 15.41 12.29 9.56
C LEU A 293 14.84 12.78 10.87
N SER A 294 15.73 13.15 11.79
CA SER A 294 15.31 13.58 13.11
C SER A 294 14.50 14.89 13.06
N SER A 295 14.59 15.58 11.93
CA SER A 295 13.87 16.84 11.75
C SER A 295 12.40 16.62 11.36
N HIS A 296 12.03 15.37 11.12
CA HIS A 296 10.64 15.05 10.80
C HIS A 296 9.73 15.42 11.97
N PRO A 297 8.65 16.17 11.69
CA PRO A 297 7.74 16.72 12.70
C PRO A 297 7.12 15.65 13.60
N GLN A 298 7.03 14.42 13.09
CA GLN A 298 6.46 13.31 13.86
C GLN A 298 7.47 12.19 14.03
N TYR A 299 8.74 12.57 14.12
CA TYR A 299 9.82 11.60 14.21
C TYR A 299 9.56 10.54 15.28
N GLU A 300 9.20 10.99 16.48
CA GLU A 300 9.01 10.09 17.61
C GLU A 300 7.87 9.08 17.38
N LEU A 301 6.77 9.54 16.81
CA LEU A 301 5.68 8.64 16.44
C LEU A 301 6.20 7.59 15.46
N GLY A 302 7.02 8.03 14.51
CA GLY A 302 7.60 7.13 13.54
C GLY A 302 8.43 6.02 14.19
N GLN A 303 9.22 6.39 15.20
CA GLN A 303 10.07 5.43 15.88
C GLN A 303 9.25 4.40 16.66
N ARG A 304 8.05 4.79 17.06
CA ARG A 304 7.18 3.90 17.83
CA ARG A 304 7.19 3.90 17.84
C ARG A 304 6.35 2.98 16.94
N GLN A 305 6.01 3.46 15.76
CA GLN A 305 5.04 2.81 14.89
C GLN A 305 5.66 2.04 13.72
N MET A 306 6.87 2.43 13.35
N MET A 306 6.85 2.44 13.32
CA MET A 306 7.54 1.89 12.16
CA MET A 306 7.50 1.83 12.16
C MET A 306 8.86 1.24 12.54
C MET A 306 8.86 1.25 12.53
N SER A 307 9.19 0.11 11.93
CA SER A 307 10.46 -0.56 12.23
C SER A 307 11.62 -0.02 11.40
N LEU A 308 11.27 0.55 10.24
CA LEU A 308 12.23 1.21 9.37
C LEU A 308 11.55 2.45 8.79
N PRO A 309 12.35 3.43 8.36
CA PRO A 309 11.80 4.71 7.90
C PRO A 309 11.27 4.71 6.45
N GLY A 310 11.39 3.60 5.75
CA GLY A 310 10.80 3.47 4.42
C GLY A 310 11.74 3.78 3.27
N GLY A 311 11.28 3.55 2.06
CA GLY A 311 12.11 3.75 0.88
C GLY A 311 11.73 4.96 0.05
N ILE A 312 10.78 5.74 0.53
CA ILE A 312 10.30 6.90 -0.22
C ILE A 312 10.79 8.20 0.41
N ILE A 313 11.22 9.13 -0.43
CA ILE A 313 11.62 10.46 0.01
C ILE A 313 10.95 11.49 -0.88
N SER A 314 10.41 12.54 -0.29
CA SER A 314 10.02 13.71 -1.06
CA SER A 314 10.03 13.70 -1.06
C SER A 314 10.93 14.87 -0.66
N PHE A 315 11.17 15.77 -1.60
CA PHE A 315 12.03 16.91 -1.30
C PHE A 315 11.67 18.08 -2.19
N GLU A 316 12.02 19.28 -1.74
CA GLU A 316 11.75 20.48 -2.53
CA GLU A 316 11.75 20.49 -2.49
C GLU A 316 13.06 21.08 -3.01
N ILE A 317 13.11 21.36 -4.30
CA ILE A 317 14.29 21.95 -4.90
C ILE A 317 14.13 23.47 -5.02
N ALA A 318 15.23 24.18 -4.80
CA ALA A 318 15.27 25.63 -4.95
C ALA A 318 14.90 26.01 -6.38
N GLY A 319 14.08 27.05 -6.54
CA GLY A 319 13.76 27.56 -7.86
C GLY A 319 12.43 27.07 -8.41
N GLY A 320 11.68 26.35 -7.57
CA GLY A 320 10.32 25.97 -7.89
C GLY A 320 10.11 25.13 -9.14
N LEU A 321 9.04 25.46 -9.86
CA LEU A 321 8.60 24.66 -11.01
C LEU A 321 9.69 24.42 -12.05
N GLU A 322 10.33 25.49 -12.51
CA GLU A 322 11.33 25.35 -13.56
C GLU A 322 12.56 24.57 -13.12
N ALA A 323 12.97 24.74 -11.87
CA ALA A 323 14.09 23.98 -11.32
C ALA A 323 13.76 22.50 -11.22
N GLY A 324 12.55 22.18 -10.78
CA GLY A 324 12.12 20.80 -10.67
C GLY A 324 12.12 20.13 -12.05
N ARG A 325 11.63 20.86 -13.05
CA ARG A 325 11.61 20.36 -14.42
C ARG A 325 13.02 20.13 -14.94
N ARG A 326 13.90 21.12 -14.75
CA ARG A 326 15.28 20.99 -15.19
CA ARG A 326 15.29 21.01 -15.17
C ARG A 326 15.99 19.82 -14.51
N MET A 327 15.75 19.64 -13.22
CA MET A 327 16.40 18.58 -12.47
CA MET A 327 16.39 18.58 -12.45
C MET A 327 15.97 17.20 -12.96
N ILE A 328 14.66 17.00 -13.09
CA ILE A 328 14.16 15.71 -13.51
C ILE A 328 14.57 15.37 -14.95
N ASN A 329 14.74 16.40 -15.78
CA ASN A 329 15.24 16.20 -17.15
C ASN A 329 16.75 16.00 -17.20
N SER A 330 17.40 16.06 -16.05
CA SER A 330 18.86 15.97 -15.99
C SER A 330 19.37 14.69 -15.32
N VAL A 331 18.48 13.90 -14.73
CA VAL A 331 18.92 12.63 -14.16
C VAL A 331 19.23 11.62 -15.27
N GLU A 332 20.23 10.77 -15.02
CA GLU A 332 20.66 9.78 -16.01
C GLU A 332 20.41 8.34 -15.55
N LEU A 333 20.25 8.15 -14.25
CA LEU A 333 20.08 6.82 -13.68
C LEU A 333 18.66 6.65 -13.14
N CYS A 334 18.21 7.58 -12.29
CA CYS A 334 16.83 7.59 -11.85
C CYS A 334 15.91 7.65 -13.06
N LEU A 335 14.82 6.90 -13.01
CA LEU A 335 13.87 6.81 -14.12
C LEU A 335 12.61 7.62 -13.87
N LEU A 336 12.21 8.42 -14.84
CA LEU A 336 11.00 9.24 -14.73
C LEU A 336 9.76 8.38 -14.93
N ALA A 337 9.03 8.15 -13.85
CA ALA A 337 7.87 7.27 -13.92
C ALA A 337 7.01 7.48 -12.70
N VAL A 338 5.74 7.12 -12.80
CA VAL A 338 4.92 7.05 -11.61
C VAL A 338 5.10 5.68 -11.01
N SER A 339 4.48 5.47 -9.86
CA SER A 339 4.61 4.24 -9.08
C SER A 339 5.82 4.29 -8.15
N LEU A 340 5.97 3.25 -7.35
CA LEU A 340 7.03 3.21 -6.37
C LEU A 340 7.24 1.77 -5.93
N GLY A 341 8.32 1.53 -5.23
CA GLY A 341 8.56 0.23 -4.64
C GLY A 341 9.19 -0.75 -5.61
N ASP A 342 9.70 -0.24 -6.74
CA ASP A 342 10.38 -1.09 -7.72
C ASP A 342 11.85 -1.26 -7.35
N THR A 343 12.54 -2.20 -7.99
CA THR A 343 13.97 -2.39 -7.72
C THR A 343 14.79 -1.23 -8.30
N GLU A 344 14.23 -0.55 -9.30
CA GLU A 344 14.87 0.63 -9.90
C GLU A 344 14.43 1.90 -9.18
N THR A 345 15.34 2.85 -9.04
CA THR A 345 14.99 4.15 -8.46
C THR A 345 14.09 4.93 -9.43
N LEU A 346 12.94 5.37 -8.94
CA LEU A 346 11.97 6.11 -9.76
C LEU A 346 11.84 7.51 -9.21
N ILE A 347 11.62 8.47 -10.10
CA ILE A 347 11.53 9.87 -9.71
C ILE A 347 10.37 10.55 -10.46
N GLN A 348 9.68 11.45 -9.78
CA GLN A 348 8.64 12.23 -10.44
C GLN A 348 8.55 13.62 -9.88
N HIS A 349 8.13 14.56 -10.72
CA HIS A 349 7.94 15.96 -10.34
C HIS A 349 6.49 16.32 -10.63
N PRO A 350 5.60 16.13 -9.63
CA PRO A 350 4.17 16.28 -9.88
C PRO A 350 3.75 17.60 -10.56
N ALA A 351 4.36 18.72 -10.17
CA ALA A 351 3.93 20.01 -10.71
C ALA A 351 4.17 20.15 -12.22
N SER A 352 5.17 19.46 -12.75
CA SER A 352 5.46 19.55 -14.18
C SER A 352 5.04 18.29 -14.93
N MET A 353 4.58 17.30 -14.18
CA MET A 353 4.20 16.03 -14.79
C MET A 353 2.73 15.68 -14.52
N THR A 354 2.50 14.79 -13.56
CA THR A 354 1.14 14.33 -13.27
C THR A 354 0.15 15.46 -13.03
N HIS A 355 0.56 16.50 -12.31
CA HIS A 355 -0.36 17.57 -11.91
C HIS A 355 -0.17 18.85 -12.72
N SER A 356 0.52 18.75 -13.85
CA SER A 356 0.62 19.88 -14.78
C SER A 356 -0.77 20.44 -15.13
N PRO A 357 -1.72 19.55 -15.46
CA PRO A 357 -3.07 19.97 -15.84
C PRO A 357 -3.86 20.62 -14.70
N VAL A 358 -3.29 20.62 -13.50
CA VAL A 358 -3.99 21.15 -12.33
C VAL A 358 -3.59 22.57 -11.99
N ALA A 359 -4.57 23.37 -11.55
CA ALA A 359 -4.32 24.74 -11.14
C ALA A 359 -3.35 24.80 -9.95
N PRO A 360 -2.42 25.76 -9.99
CA PRO A 360 -1.38 25.91 -8.96
C PRO A 360 -1.95 25.99 -7.55
N GLU A 361 -3.08 26.67 -7.36
CA GLU A 361 -3.68 26.79 -6.05
C GLU A 361 -4.33 25.48 -5.63
N GLU A 362 -4.83 24.72 -6.60
CA GLU A 362 -5.39 23.40 -6.34
C GLU A 362 -4.30 22.44 -5.91
N ARG A 363 -3.14 22.55 -6.54
CA ARG A 363 -1.99 21.72 -6.17
C ARG A 363 -1.55 22.00 -4.74
N LEU A 364 -1.47 23.29 -4.39
CA LEU A 364 -1.04 23.69 -3.06
C LEU A 364 -1.93 23.13 -1.96
N LYS A 365 -3.24 23.16 -2.19
CA LYS A 365 -4.19 22.66 -1.20
C LYS A 365 -3.97 21.17 -0.95
N ALA A 366 -3.40 20.48 -1.94
CA ALA A 366 -3.12 19.06 -1.82
C ALA A 366 -1.72 18.80 -1.28
N GLY A 367 -1.01 19.88 -0.95
CA GLY A 367 0.32 19.76 -0.38
C GLY A 367 1.41 19.64 -1.43
N ILE A 368 1.06 19.89 -2.69
CA ILE A 368 2.02 19.79 -3.78
C ILE A 368 2.56 21.15 -4.18
N THR A 369 3.77 21.47 -3.71
CA THR A 369 4.42 22.72 -4.11
C THR A 369 5.13 22.56 -5.44
N ASP A 370 5.45 23.69 -6.07
CA ASP A 370 6.04 23.69 -7.41
C ASP A 370 7.40 22.99 -7.49
N GLY A 371 8.14 22.98 -6.39
CA GLY A 371 9.45 22.36 -6.36
C GLY A 371 9.49 20.96 -5.76
N LEU A 372 8.32 20.40 -5.47
CA LEU A 372 8.26 19.10 -4.80
C LEU A 372 8.58 17.96 -5.76
N ILE A 373 9.54 17.13 -5.36
CA ILE A 373 9.96 15.95 -6.11
CA ILE A 373 9.92 15.95 -6.12
C ILE A 373 9.74 14.72 -5.24
N ARG A 374 9.23 13.63 -5.81
CA ARG A 374 9.09 12.39 -5.06
C ARG A 374 10.03 11.35 -5.64
N LEU A 375 10.76 10.69 -4.75
CA LEU A 375 11.79 9.73 -5.14
C LEU A 375 11.48 8.38 -4.50
N SER A 376 11.36 7.35 -5.32
CA SER A 376 11.27 5.98 -4.84
C SER A 376 12.65 5.36 -4.96
N VAL A 377 13.30 5.15 -3.82
CA VAL A 377 14.68 4.70 -3.81
C VAL A 377 14.78 3.21 -4.08
N GLY A 378 15.58 2.85 -5.09
CA GLY A 378 15.74 1.46 -5.48
C GLY A 378 16.92 0.74 -4.83
N LEU A 379 17.35 -0.34 -5.48
CA LEU A 379 18.36 -1.24 -4.93
C LEU A 379 19.76 -0.99 -5.50
N GLU A 380 19.92 0.08 -6.27
CA GLU A 380 21.22 0.43 -6.83
C GLU A 380 22.20 0.80 -5.72
N ASP A 381 23.48 0.94 -6.07
CA ASP A 381 24.43 1.47 -5.10
C ASP A 381 24.04 2.90 -4.75
N PRO A 382 23.95 3.20 -3.45
CA PRO A 382 23.49 4.54 -3.07
C PRO A 382 24.43 5.64 -3.57
N GLU A 383 25.71 5.34 -3.69
CA GLU A 383 26.66 6.32 -4.22
C GLU A 383 26.30 6.73 -5.63
N ASP A 384 25.82 5.77 -6.43
CA ASP A 384 25.41 6.07 -7.80
C ASP A 384 24.16 6.94 -7.85
N ILE A 385 23.20 6.63 -6.99
N ILE A 385 23.17 6.63 -7.01
CA ILE A 385 21.97 7.40 -6.91
CA ILE A 385 21.98 7.46 -6.97
C ILE A 385 22.26 8.83 -6.44
C ILE A 385 22.33 8.86 -6.50
N ILE A 386 23.12 8.95 -5.42
CA ILE A 386 23.53 10.26 -4.93
C ILE A 386 24.25 11.06 -5.99
N ASN A 387 25.17 10.42 -6.72
CA ASN A 387 25.93 11.14 -7.73
C ASN A 387 25.01 11.64 -8.85
N ASP A 388 24.02 10.83 -9.22
CA ASP A 388 23.05 11.21 -10.23
C ASP A 388 22.21 12.41 -9.75
N LEU A 389 21.72 12.33 -8.52
CA LEU A 389 20.97 13.46 -7.94
C LEU A 389 21.83 14.72 -7.85
N GLU A 390 23.07 14.57 -7.39
CA GLU A 390 23.95 15.72 -7.23
C GLU A 390 24.15 16.41 -8.56
N HIS A 391 24.42 15.60 -9.59
CA HIS A 391 24.64 16.10 -10.93
C HIS A 391 23.42 16.88 -11.43
N ALA A 392 22.24 16.28 -11.29
CA ALA A 392 21.00 16.88 -11.77
C ALA A 392 20.62 18.12 -10.98
N ILE A 393 20.77 18.06 -9.66
CA ILE A 393 20.47 19.22 -8.81
C ILE A 393 21.38 20.41 -9.13
N ARG A 394 22.68 20.13 -9.28
CA ARG A 394 23.64 21.18 -9.58
C ARG A 394 23.32 21.84 -10.91
N LYS A 395 23.04 21.03 -11.92
CA LYS A 395 22.70 21.58 -13.23
C LYS A 395 21.47 22.45 -13.16
N ALA A 396 20.50 22.03 -12.36
CA ALA A 396 19.21 22.70 -12.28
C ALA A 396 19.23 24.00 -11.49
N THR A 397 20.22 24.18 -10.62
CA THR A 397 20.17 25.27 -9.65
C THR A 397 21.42 26.14 -9.62
#